data_2C5L
#
_entry.id   2C5L
#
_cell.length_a   72.416
_cell.length_b   93.618
_cell.length_c   111.494
_cell.angle_alpha   90.00
_cell.angle_beta   90.00
_cell.angle_gamma   90.00
#
_symmetry.space_group_name_H-M   'P 21 21 21'
#
loop_
_entity.id
_entity.type
_entity.pdbx_description
1 polymer 'GTPASE HRAS'
2 polymer 'PHOSPHOINOSITIDE-SPECIFIC PHOSPHOLIPASE C PLC-EPSILON'
3 non-polymer "GUANOSINE-5'-TRIPHOSPHATE"
4 non-polymer 'MAGNESIUM ION'
5 non-polymer GLYCEROL
6 water water
#
loop_
_entity_poly.entity_id
_entity_poly.type
_entity_poly.pdbx_seq_one_letter_code
_entity_poly.pdbx_strand_id
1 'polypeptide(L)'
;GGGSGGSMTEYKLVVVGAVGVGKSALTIQLIQNHFVDEYDPTIEDSYRKQVVIDGETCLLDILDTAGQEEYSAMRDQYMR
TGEGFLCVFAINNTKSFEDIHQYREQIKRVKDSDDVPMVLVGNKCDLAARTVESRQAQDLARSYGIPYIETSAKTRQGVE
DAFYTLVREIRQH
;
A,B
2 'polypeptide(L)'
;GSSEEESFFVQVHDVSPEQPRTVIKAPRVSTAQDVIQQTLCKAKYSLSILSNPNPSDYVLLEEVVKDTTNKKTTTPKSSQ
RVLLDQECVFQAQSKWKGAGKFILKLKEQVQASREDK
;
C,D
#
# COMPACT_ATOMS: atom_id res chain seq x y z
N MET A 8 -2.24 18.09 -11.64
CA MET A 8 -2.93 16.84 -11.19
C MET A 8 -2.88 15.75 -12.27
N THR A 9 -2.04 14.76 -12.02
CA THR A 9 -2.00 13.58 -12.87
C THR A 9 -3.28 12.76 -12.68
N GLU A 10 -3.83 12.29 -13.80
CA GLU A 10 -4.96 11.35 -13.78
CA GLU A 10 -4.94 11.35 -13.79
C GLU A 10 -4.43 9.95 -14.04
N TYR A 11 -4.96 8.98 -13.27
CA TYR A 11 -4.55 7.58 -13.43
C TYR A 11 -5.78 6.77 -13.82
N LYS A 12 -5.65 5.99 -14.88
CA LYS A 12 -6.79 5.17 -15.36
C LYS A 12 -6.63 3.71 -14.89
N LEU A 13 -7.29 3.37 -13.78
CA LEU A 13 -7.20 2.02 -13.17
C LEU A 13 -8.38 1.18 -13.60
N VAL A 14 -8.09 -0.10 -13.79
CA VAL A 14 -9.13 -1.08 -14.19
C VAL A 14 -9.13 -2.29 -13.24
N VAL A 15 -10.30 -2.64 -12.68
CA VAL A 15 -10.40 -3.78 -11.74
C VAL A 15 -11.05 -4.97 -12.48
N VAL A 16 -10.32 -6.09 -12.54
CA VAL A 16 -10.72 -7.27 -13.29
C VAL A 16 -10.62 -8.54 -12.47
N GLY A 17 -11.33 -9.60 -12.89
CA GLY A 17 -11.35 -10.91 -12.20
C GLY A 17 -12.71 -11.59 -12.26
N ALA A 18 -12.77 -12.83 -11.80
CA ALA A 18 -13.97 -13.67 -11.92
C ALA A 18 -15.19 -13.18 -11.11
N VAL A 19 -16.37 -13.76 -11.39
N VAL A 19 -16.34 -13.79 -11.37
CA VAL A 19 -17.58 -13.35 -10.68
CA VAL A 19 -17.61 -13.46 -10.71
C VAL A 19 -17.41 -13.47 -9.17
C VAL A 19 -17.50 -13.53 -9.17
N GLY A 20 -17.92 -12.47 -8.48
CA GLY A 20 -18.08 -12.54 -7.04
C GLY A 20 -16.82 -12.47 -6.20
N VAL A 21 -15.67 -12.14 -6.81
CA VAL A 21 -14.39 -12.12 -6.02
C VAL A 21 -14.25 -10.90 -5.09
N GLY A 22 -15.06 -9.86 -5.33
CA GLY A 22 -15.03 -8.62 -4.52
C GLY A 22 -14.48 -7.37 -5.26
N LYS A 23 -14.53 -7.36 -6.59
CA LYS A 23 -14.08 -6.17 -7.38
C LYS A 23 -14.84 -4.89 -6.99
N SER A 24 -16.18 -4.98 -6.95
CA SER A 24 -17.05 -3.84 -6.64
C SER A 24 -16.90 -3.47 -5.19
N ALA A 25 -16.82 -4.47 -4.31
CA ALA A 25 -16.65 -4.16 -2.87
C ALA A 25 -15.34 -3.44 -2.57
N LEU A 26 -14.24 -3.89 -3.17
CA LEU A 26 -12.93 -3.20 -3.07
C LEU A 26 -13.01 -1.77 -3.61
N THR A 27 -13.53 -1.62 -4.83
CA THR A 27 -13.70 -0.27 -5.40
C THR A 27 -14.55 0.67 -4.53
N ILE A 28 -15.69 0.16 -4.04
CA ILE A 28 -16.60 0.97 -3.24
C ILE A 28 -15.96 1.31 -1.88
N GLN A 29 -15.22 0.35 -1.30
CA GLN A 29 -14.48 0.65 -0.05
C GLN A 29 -13.48 1.80 -0.30
N LEU A 30 -12.71 1.70 -1.39
CA LEU A 30 -11.74 2.76 -1.70
C LEU A 30 -12.42 4.13 -1.96
N ILE A 31 -13.45 4.15 -2.80
CA ILE A 31 -14.06 5.43 -3.25
C ILE A 31 -14.99 6.04 -2.18
N GLN A 32 -15.80 5.20 -1.55
CA GLN A 32 -16.88 5.65 -0.66
C GLN A 32 -16.74 5.22 0.81
N ASN A 33 -15.70 4.44 1.15
CA ASN A 33 -15.43 4.13 2.58
C ASN A 33 -16.54 3.39 3.35
N HIS A 34 -17.20 2.44 2.68
CA HIS A 34 -18.15 1.52 3.34
C HIS A 34 -18.17 0.19 2.57
N PHE A 35 -18.66 -0.85 3.26
CA PHE A 35 -18.67 -2.20 2.75
C PHE A 35 -20.10 -2.59 2.38
N VAL A 36 -20.25 -3.06 1.15
CA VAL A 36 -21.53 -3.46 0.63
C VAL A 36 -21.66 -4.97 0.82
N ASP A 37 -22.62 -5.40 1.62
CA ASP A 37 -22.73 -6.83 1.86
CA ASP A 37 -22.83 -6.80 1.94
C ASP A 37 -23.63 -7.55 0.88
N GLU A 38 -24.51 -6.83 0.19
CA GLU A 38 -25.38 -7.42 -0.81
C GLU A 38 -24.56 -7.72 -2.08
N TYR A 39 -25.01 -8.68 -2.88
CA TYR A 39 -24.34 -8.98 -4.15
C TYR A 39 -25.16 -8.51 -5.33
N ASP A 40 -24.66 -7.50 -6.03
CA ASP A 40 -25.26 -7.20 -7.30
C ASP A 40 -24.27 -7.20 -8.46
N PRO A 41 -24.40 -8.21 -9.35
CA PRO A 41 -23.40 -8.38 -10.41
C PRO A 41 -23.28 -7.14 -11.29
N THR A 42 -22.04 -6.77 -11.57
CA THR A 42 -21.71 -5.57 -12.36
C THR A 42 -21.73 -5.87 -13.86
N ILE A 43 -22.14 -4.89 -14.65
CA ILE A 43 -21.89 -4.90 -16.11
C ILE A 43 -20.63 -4.03 -16.38
N GLU A 44 -20.73 -2.72 -16.12
CA GLU A 44 -19.54 -1.85 -16.14
C GLU A 44 -19.83 -0.49 -15.50
N ASP A 45 -19.11 -0.16 -14.42
CA ASP A 45 -19.30 1.09 -13.68
C ASP A 45 -17.99 1.89 -13.61
N SER A 46 -18.11 3.21 -13.77
N SER A 46 -18.12 3.21 -13.71
CA SER A 46 -16.96 4.11 -13.68
CA SER A 46 -16.97 4.11 -13.70
C SER A 46 -17.05 4.94 -12.41
C SER A 46 -17.03 5.02 -12.47
N TYR A 47 -15.93 5.07 -11.72
CA TYR A 47 -15.84 5.83 -10.47
C TYR A 47 -14.69 6.82 -10.51
N ARG A 48 -14.74 7.82 -9.64
CA ARG A 48 -13.76 8.89 -9.67
C ARG A 48 -13.50 9.35 -8.24
N LYS A 49 -12.21 9.54 -7.90
CA LYS A 49 -11.85 10.14 -6.59
C LYS A 49 -10.52 10.88 -6.66
N GLN A 50 -10.48 12.03 -5.99
CA GLN A 50 -9.23 12.75 -5.79
CA GLN A 50 -9.23 12.77 -5.81
C GLN A 50 -8.59 12.31 -4.48
N VAL A 51 -7.33 11.88 -4.55
CA VAL A 51 -6.59 11.43 -3.38
C VAL A 51 -5.17 12.00 -3.37
N VAL A 52 -4.50 11.95 -2.23
CA VAL A 52 -3.10 12.33 -2.13
C VAL A 52 -2.25 11.08 -1.94
N ILE A 53 -1.28 10.89 -2.85
CA ILE A 53 -0.38 9.75 -2.79
C ILE A 53 1.08 10.28 -2.82
N ASP A 54 1.86 10.00 -1.77
CA ASP A 54 3.23 10.57 -1.61
C ASP A 54 3.26 12.08 -1.84
N GLY A 55 2.34 12.77 -1.16
CA GLY A 55 2.35 14.23 -1.15
C GLY A 55 1.87 14.93 -2.42
N GLU A 56 1.39 14.18 -3.40
CA GLU A 56 0.81 14.78 -4.61
C GLU A 56 -0.66 14.44 -4.74
N THR A 57 -1.47 15.43 -5.11
CA THR A 57 -2.87 15.21 -5.44
C THR A 57 -2.98 14.50 -6.80
N CYS A 58 -3.71 13.37 -6.81
CA CYS A 58 -3.92 12.50 -7.99
C CYS A 58 -5.41 12.42 -8.23
N LEU A 59 -5.80 12.30 -9.49
CA LEU A 59 -7.17 11.92 -9.86
C LEU A 59 -7.19 10.43 -10.26
N LEU A 60 -7.99 9.63 -9.54
CA LEU A 60 -8.20 8.24 -9.91
C LEU A 60 -9.49 8.05 -10.68
N ASP A 61 -9.34 7.55 -11.89
CA ASP A 61 -10.45 7.08 -12.72
C ASP A 61 -10.39 5.55 -12.54
N ILE A 62 -11.44 4.97 -11.95
CA ILE A 62 -11.48 3.53 -11.68
C ILE A 62 -12.64 2.86 -12.42
N LEU A 63 -12.31 1.94 -13.33
CA LEU A 63 -13.29 1.17 -14.04
C LEU A 63 -13.54 -0.19 -13.33
N ASP A 64 -14.78 -0.39 -12.89
CA ASP A 64 -15.19 -1.64 -12.23
C ASP A 64 -15.87 -2.51 -13.29
N THR A 65 -15.28 -3.67 -13.59
CA THR A 65 -15.72 -4.48 -14.74
C THR A 65 -16.53 -5.76 -14.35
N ALA A 66 -17.05 -6.46 -15.36
CA ALA A 66 -17.95 -7.61 -15.18
C ALA A 66 -17.13 -8.88 -15.02
N GLY A 67 -17.41 -9.65 -13.97
CA GLY A 67 -16.93 -11.01 -13.86
C GLY A 67 -17.72 -11.99 -14.72
N GLN A 68 -19.03 -11.77 -14.88
CA GLN A 68 -19.91 -12.68 -15.65
C GLN A 68 -19.38 -12.88 -17.07
N GLU A 69 -19.19 -14.13 -17.46
CA GLU A 69 -18.61 -14.48 -18.77
C GLU A 69 -19.46 -13.96 -19.94
N GLU A 70 -20.75 -13.79 -19.69
CA GLU A 70 -21.70 -13.18 -20.60
C GLU A 70 -21.20 -11.86 -21.23
N TYR A 71 -20.41 -11.10 -20.46
CA TYR A 71 -19.94 -9.77 -20.89
C TYR A 71 -18.47 -9.73 -21.38
N SER A 72 -17.87 -10.87 -21.65
CA SER A 72 -16.46 -10.93 -22.04
C SER A 72 -16.06 -10.12 -23.28
N ALA A 73 -17.03 -9.83 -24.17
CA ALA A 73 -16.71 -9.09 -25.40
C ALA A 73 -16.43 -7.61 -25.15
N MET A 74 -16.79 -7.10 -23.97
CA MET A 74 -16.45 -5.73 -23.55
C MET A 74 -14.95 -5.56 -23.19
N ARG A 75 -14.23 -6.67 -22.98
CA ARG A 75 -12.88 -6.60 -22.41
C ARG A 75 -11.87 -5.87 -23.28
N ASP A 76 -11.90 -6.19 -24.58
CA ASP A 76 -10.96 -5.60 -25.50
C ASP A 76 -10.89 -4.06 -25.42
N GLN A 77 -12.04 -3.41 -25.38
CA GLN A 77 -12.09 -1.95 -25.35
C GLN A 77 -11.50 -1.41 -24.04
N TYR A 78 -11.91 -1.98 -22.91
CA TYR A 78 -11.44 -1.41 -21.66
C TYR A 78 -9.98 -1.71 -21.43
N MET A 79 -9.49 -2.81 -22.00
CA MET A 79 -8.05 -3.13 -21.90
C MET A 79 -7.15 -2.20 -22.74
N ARG A 80 -7.67 -1.71 -23.87
CA ARG A 80 -6.93 -0.71 -24.69
C ARG A 80 -6.74 0.59 -23.94
N THR A 81 -7.81 1.05 -23.29
CA THR A 81 -7.86 2.37 -22.67
C THR A 81 -7.16 2.38 -21.29
N GLY A 82 -7.23 1.26 -20.56
CA GLY A 82 -6.70 1.23 -19.19
C GLY A 82 -5.18 1.39 -19.11
N GLU A 83 -4.73 2.13 -18.09
CA GLU A 83 -3.29 2.27 -17.83
C GLU A 83 -2.71 1.22 -16.88
N GLY A 84 -3.52 0.74 -15.92
CA GLY A 84 -3.03 -0.25 -14.94
C GLY A 84 -4.20 -1.09 -14.46
N PHE A 85 -3.90 -2.33 -14.10
CA PHE A 85 -4.92 -3.34 -13.84
C PHE A 85 -4.78 -3.99 -12.45
N LEU A 86 -5.85 -3.92 -11.66
CA LEU A 86 -5.96 -4.72 -10.45
C LEU A 86 -6.60 -6.09 -10.78
N CYS A 87 -5.80 -7.15 -10.71
CA CYS A 87 -6.22 -8.52 -11.06
C CYS A 87 -6.61 -9.25 -9.77
N VAL A 88 -7.92 -9.35 -9.53
CA VAL A 88 -8.46 -9.85 -8.26
C VAL A 88 -8.92 -11.29 -8.37
N PHE A 89 -8.51 -12.09 -7.39
CA PHE A 89 -9.17 -13.38 -7.10
C PHE A 89 -9.56 -13.41 -5.58
N ALA A 90 -10.33 -14.41 -5.15
CA ALA A 90 -10.69 -14.54 -3.71
C ALA A 90 -10.00 -15.78 -3.12
N ILE A 91 -9.49 -15.64 -1.91
CA ILE A 91 -8.67 -16.71 -1.32
C ILE A 91 -9.48 -17.97 -0.92
N ASN A 92 -10.81 -17.86 -0.94
CA ASN A 92 -11.74 -18.99 -0.74
C ASN A 92 -12.40 -19.42 -2.06
N ASN A 93 -11.72 -19.25 -3.20
CA ASN A 93 -12.29 -19.48 -4.53
C ASN A 93 -11.20 -19.96 -5.49
N THR A 94 -10.93 -21.27 -5.49
CA THR A 94 -9.78 -21.78 -6.28
C THR A 94 -9.97 -21.52 -7.78
N LYS A 95 -11.20 -21.58 -8.27
CA LYS A 95 -11.50 -21.35 -9.68
C LYS A 95 -11.13 -19.91 -10.09
N SER A 96 -11.43 -18.95 -9.23
CA SER A 96 -11.08 -17.53 -9.50
C SER A 96 -9.56 -17.35 -9.62
N PHE A 97 -8.80 -18.14 -8.85
CA PHE A 97 -7.37 -18.07 -8.92
C PHE A 97 -6.88 -18.65 -10.26
N GLU A 98 -7.48 -19.76 -10.70
CA GLU A 98 -7.23 -20.32 -12.05
C GLU A 98 -7.61 -19.31 -13.17
N ASP A 99 -8.71 -18.60 -13.03
CA ASP A 99 -9.23 -17.66 -14.03
C ASP A 99 -8.32 -16.43 -14.22
N ILE A 100 -7.59 -16.02 -13.19
CA ILE A 100 -6.67 -14.85 -13.23
CA ILE A 100 -6.84 -14.75 -13.39
C ILE A 100 -5.72 -14.85 -14.41
N HIS A 101 -5.13 -16.02 -14.63
CA HIS A 101 -4.19 -16.22 -15.72
C HIS A 101 -4.80 -15.78 -17.09
N GLN A 102 -6.10 -16.03 -17.34
CA GLN A 102 -6.73 -15.63 -18.60
C GLN A 102 -6.85 -14.10 -18.75
N TYR A 103 -7.10 -13.42 -17.62
CA TYR A 103 -7.11 -11.96 -17.65
C TYR A 103 -5.72 -11.38 -17.94
N ARG A 104 -4.69 -11.87 -17.25
CA ARG A 104 -3.31 -11.41 -17.48
C ARG A 104 -2.91 -11.57 -18.96
N GLU A 105 -3.18 -12.73 -19.52
CA GLU A 105 -2.81 -13.02 -20.91
C GLU A 105 -3.55 -12.13 -21.92
N GLN A 106 -4.84 -11.91 -21.72
CA GLN A 106 -5.60 -11.03 -22.62
C GLN A 106 -5.05 -9.59 -22.57
N ILE A 107 -4.81 -9.08 -21.36
CA ILE A 107 -4.28 -7.73 -21.20
C ILE A 107 -2.94 -7.63 -21.95
N LYS A 108 -2.09 -8.63 -21.72
CA LYS A 108 -0.77 -8.69 -22.38
C LYS A 108 -0.88 -8.69 -23.92
N ARG A 109 -1.83 -9.47 -24.45
CA ARG A 109 -2.11 -9.58 -25.89
C ARG A 109 -2.65 -8.25 -26.42
N VAL A 110 -3.68 -7.72 -25.76
CA VAL A 110 -4.33 -6.49 -26.20
C VAL A 110 -3.41 -5.30 -26.26
N LYS A 111 -2.56 -5.13 -25.24
CA LYS A 111 -1.69 -3.97 -25.12
C LYS A 111 -0.32 -4.19 -25.81
N ASP A 112 -0.13 -5.39 -26.34
CA ASP A 112 1.09 -5.82 -27.00
C ASP A 112 2.34 -5.46 -26.17
N SER A 113 2.32 -5.84 -24.89
CA SER A 113 3.41 -5.52 -23.97
C SER A 113 3.54 -6.54 -22.84
N ASP A 114 4.78 -6.81 -22.45
CA ASP A 114 5.07 -7.72 -21.33
C ASP A 114 5.32 -6.92 -20.05
N ASP A 115 4.96 -5.64 -20.06
CA ASP A 115 5.38 -4.70 -19.03
C ASP A 115 4.22 -3.78 -18.59
N VAL A 116 2.99 -4.28 -18.69
CA VAL A 116 1.79 -3.50 -18.33
C VAL A 116 1.69 -3.37 -16.78
N PRO A 117 1.56 -2.13 -16.26
CA PRO A 117 1.33 -1.98 -14.79
C PRO A 117 0.16 -2.84 -14.27
N MET A 118 0.43 -3.71 -13.30
CA MET A 118 -0.59 -4.62 -12.72
C MET A 118 -0.20 -5.01 -11.30
N VAL A 119 -1.23 -5.30 -10.49
CA VAL A 119 -1.03 -5.84 -9.12
C VAL A 119 -1.97 -7.07 -8.95
N LEU A 120 -1.44 -8.19 -8.47
CA LEU A 120 -2.26 -9.39 -8.12
C LEU A 120 -2.84 -9.22 -6.71
N VAL A 121 -4.16 -9.37 -6.58
CA VAL A 121 -4.87 -9.18 -5.29
C VAL A 121 -5.59 -10.47 -4.88
N GLY A 122 -5.28 -10.99 -3.69
CA GLY A 122 -6.08 -12.07 -3.10
C GLY A 122 -7.04 -11.52 -2.09
N ASN A 123 -8.31 -11.38 -2.48
CA ASN A 123 -9.31 -10.72 -1.63
C ASN A 123 -10.09 -11.66 -0.67
N LYS A 124 -10.89 -11.09 0.22
CA LYS A 124 -11.63 -11.85 1.28
C LYS A 124 -10.72 -12.48 2.34
N CYS A 125 -9.62 -11.81 2.67
CA CYS A 125 -8.66 -12.36 3.62
C CYS A 125 -9.19 -12.35 5.07
N ASP A 126 -10.39 -11.81 5.28
CA ASP A 126 -11.06 -11.88 6.60
C ASP A 126 -11.74 -13.25 6.87
N LEU A 127 -11.96 -14.02 5.81
CA LEU A 127 -12.62 -15.30 5.93
C LEU A 127 -11.69 -16.42 6.37
N ALA A 128 -12.20 -17.27 7.25
CA ALA A 128 -11.45 -18.46 7.72
C ALA A 128 -11.43 -19.58 6.66
N ALA A 129 -10.55 -20.55 6.87
CA ALA A 129 -10.42 -21.72 6.01
C ALA A 129 -10.20 -21.45 4.51
N ARG A 130 -9.22 -20.59 4.17
CA ARG A 130 -8.86 -20.32 2.77
C ARG A 130 -8.52 -21.59 2.01
N THR A 131 -8.80 -21.58 0.71
CA THR A 131 -8.50 -22.74 -0.15
C THR A 131 -7.36 -22.48 -1.17
N VAL A 132 -6.96 -21.22 -1.30
CA VAL A 132 -5.82 -20.84 -2.11
C VAL A 132 -4.71 -20.38 -1.15
N GLU A 133 -3.53 -20.99 -1.22
CA GLU A 133 -2.38 -20.62 -0.38
C GLU A 133 -1.71 -19.33 -0.85
N SER A 134 -1.30 -18.49 0.10
CA SER A 134 -0.59 -17.26 -0.23
C SER A 134 0.59 -17.59 -1.14
N ARG A 135 1.31 -18.67 -0.84
CA ARG A 135 2.51 -18.93 -1.59
C ARG A 135 2.26 -19.25 -3.06
N GLN A 136 1.12 -19.90 -3.36
CA GLN A 136 0.69 -20.14 -4.74
C GLN A 136 0.57 -18.83 -5.51
N ALA A 137 -0.10 -17.85 -4.90
CA ALA A 137 -0.22 -16.50 -5.52
C ALA A 137 1.11 -15.75 -5.60
N GLN A 138 1.97 -15.88 -4.58
CA GLN A 138 3.32 -15.29 -4.62
C GLN A 138 4.15 -15.78 -5.82
N ASP A 139 4.15 -17.09 -6.01
CA ASP A 139 4.78 -17.72 -7.16
C ASP A 139 4.23 -17.21 -8.50
N LEU A 140 2.91 -17.09 -8.61
CA LEU A 140 2.32 -16.54 -9.83
C LEU A 140 2.76 -15.10 -10.06
N ALA A 141 2.61 -14.24 -9.05
CA ALA A 141 3.06 -12.85 -9.14
C ALA A 141 4.53 -12.74 -9.57
N ARG A 142 5.39 -13.57 -8.98
CA ARG A 142 6.83 -13.54 -9.32
C ARG A 142 7.05 -13.82 -10.81
N SER A 143 6.35 -14.82 -11.37
CA SER A 143 6.47 -15.18 -12.77
C SER A 143 5.99 -14.08 -13.72
N TYR A 144 5.11 -13.19 -13.23
CA TYR A 144 4.58 -12.06 -13.99
C TYR A 144 5.41 -10.81 -13.79
N GLY A 145 6.24 -10.80 -12.74
CA GLY A 145 7.02 -9.61 -12.40
C GLY A 145 6.23 -8.48 -11.76
N ILE A 146 5.19 -8.82 -10.97
CA ILE A 146 4.25 -7.82 -10.43
C ILE A 146 4.06 -8.03 -8.90
N PRO A 147 3.62 -6.98 -8.16
CA PRO A 147 3.33 -7.19 -6.72
C PRO A 147 2.12 -8.10 -6.44
N TYR A 148 2.19 -8.85 -5.33
CA TYR A 148 1.02 -9.51 -4.75
C TYR A 148 0.68 -8.93 -3.39
N ILE A 149 -0.60 -8.63 -3.16
CA ILE A 149 -1.11 -8.11 -1.90
C ILE A 149 -2.45 -8.80 -1.54
N GLU A 150 -2.62 -9.23 -0.28
CA GLU A 150 -3.93 -9.69 0.23
C GLU A 150 -4.77 -8.57 0.84
N THR A 151 -6.07 -8.66 0.60
CA THR A 151 -7.02 -7.59 0.99
C THR A 151 -8.32 -8.15 1.58
N SER A 152 -9.03 -7.31 2.32
CA SER A 152 -10.42 -7.56 2.71
C SER A 152 -11.17 -6.26 2.48
N ALA A 153 -12.07 -6.27 1.50
CA ALA A 153 -13.05 -5.21 1.38
C ALA A 153 -13.93 -5.01 2.65
N LYS A 154 -14.14 -6.09 3.41
CA LYS A 154 -14.96 -6.01 4.63
C LYS A 154 -14.26 -5.27 5.79
N THR A 155 -12.98 -5.54 5.97
CA THR A 155 -12.24 -4.93 7.08
C THR A 155 -11.32 -3.78 6.67
N ARG A 156 -11.20 -3.52 5.35
CA ARG A 156 -10.27 -2.53 4.75
C ARG A 156 -8.80 -2.98 4.76
N GLN A 157 -8.50 -4.14 5.37
CA GLN A 157 -7.14 -4.68 5.32
C GLN A 157 -6.58 -4.63 3.88
N GLY A 158 -5.43 -3.96 3.74
CA GLY A 158 -4.73 -3.89 2.46
C GLY A 158 -5.37 -3.13 1.31
N VAL A 159 -6.55 -2.54 1.50
CA VAL A 159 -7.28 -1.95 0.35
C VAL A 159 -6.58 -0.70 -0.24
N GLU A 160 -6.28 0.30 0.60
CA GLU A 160 -5.51 1.47 0.12
C GLU A 160 -4.16 1.03 -0.43
N ASP A 161 -3.50 0.10 0.26
CA ASP A 161 -2.20 -0.39 -0.17
C ASP A 161 -2.27 -0.98 -1.57
N ALA A 162 -3.31 -1.80 -1.84
CA ALA A 162 -3.42 -2.44 -3.15
C ALA A 162 -3.59 -1.37 -4.30
N PHE A 163 -4.53 -0.44 -4.15
CA PHE A 163 -4.78 0.58 -5.18
C PHE A 163 -3.58 1.57 -5.34
N TYR A 164 -3.00 1.98 -4.21
CA TYR A 164 -1.87 2.93 -4.29
C TYR A 164 -0.63 2.29 -4.85
N THR A 165 -0.42 1.01 -4.55
CA THR A 165 0.66 0.27 -5.15
C THR A 165 0.49 0.25 -6.69
N LEU A 166 -0.73 0.01 -7.17
CA LEU A 166 -1.02 0.06 -8.61
C LEU A 166 -0.76 1.48 -9.23
N VAL A 167 -1.23 2.53 -8.55
CA VAL A 167 -0.94 3.93 -9.01
C VAL A 167 0.58 4.13 -9.14
N ARG A 168 1.31 3.66 -8.13
CA ARG A 168 2.77 3.75 -8.14
C ARG A 168 3.41 2.99 -9.30
N GLU A 169 2.89 1.80 -9.62
CA GLU A 169 3.39 1.04 -10.76
C GLU A 169 3.23 1.80 -12.06
N ILE A 170 2.13 2.54 -12.21
CA ILE A 170 1.92 3.39 -13.39
C ILE A 170 2.86 4.60 -13.37
N ARG A 171 2.86 5.31 -12.24
CA ARG A 171 3.72 6.47 -12.02
C ARG A 171 5.23 6.18 -12.27
N GLN A 172 5.72 5.04 -11.77
CA GLN A 172 7.16 4.70 -11.91
C GLN A 172 7.54 3.98 -13.22
N HIS A 173 6.56 3.77 -14.09
CA HIS A 173 6.74 3.07 -15.36
C HIS A 173 7.56 3.93 -16.30
N MET B 8 7.69 -20.29 9.48
CA MET B 8 7.86 -18.82 9.73
C MET B 8 9.18 -18.35 9.13
N THR B 9 9.08 -17.51 8.11
CA THR B 9 10.25 -16.94 7.44
C THR B 9 10.79 -15.76 8.24
N GLU B 10 12.11 -15.69 8.42
CA GLU B 10 12.73 -14.51 9.02
C GLU B 10 13.20 -13.60 7.90
N TYR B 11 12.97 -12.29 8.08
CA TYR B 11 13.45 -11.26 7.13
C TYR B 11 14.41 -10.34 7.84
N LYS B 12 15.60 -10.16 7.28
CA LYS B 12 16.59 -9.24 7.81
C LYS B 12 16.59 -7.88 7.11
N LEU B 13 15.94 -6.91 7.77
CA LEU B 13 15.77 -5.55 7.23
C LEU B 13 16.77 -4.61 7.89
N VAL B 14 17.29 -3.68 7.09
CA VAL B 14 18.26 -2.69 7.58
C VAL B 14 17.77 -1.31 7.21
N VAL B 15 17.70 -0.44 8.22
CA VAL B 15 17.32 0.95 8.03
C VAL B 15 18.54 1.89 7.96
N VAL B 16 18.70 2.59 6.83
CA VAL B 16 19.91 3.39 6.57
C VAL B 16 19.53 4.81 6.11
N GLY B 17 20.46 5.76 6.23
CA GLY B 17 20.17 7.14 5.94
C GLY B 17 20.96 8.11 6.81
N ALA B 18 21.05 9.37 6.36
CA ALA B 18 21.76 10.44 7.07
C ALA B 18 21.29 10.72 8.50
N VAL B 19 22.16 11.41 9.22
CA VAL B 19 21.88 11.76 10.59
C VAL B 19 20.53 12.48 10.72
N GLY B 20 19.71 12.08 11.70
CA GLY B 20 18.47 12.82 12.03
C GLY B 20 17.25 12.73 11.10
N VAL B 21 17.27 11.81 10.14
CA VAL B 21 16.18 11.72 9.14
C VAL B 21 14.92 11.01 9.68
N GLY B 22 15.09 10.23 10.75
CA GLY B 22 13.97 9.59 11.42
C GLY B 22 14.02 8.07 11.36
N LYS B 23 15.22 7.48 11.20
CA LYS B 23 15.36 6.00 11.12
C LYS B 23 14.85 5.30 12.42
N SER B 24 15.31 5.83 13.56
CA SER B 24 14.93 5.27 14.86
C SER B 24 13.44 5.55 15.16
N ALA B 25 12.96 6.75 14.85
CA ALA B 25 11.55 7.07 15.14
C ALA B 25 10.63 6.15 14.31
N LEU B 26 10.99 5.88 13.05
CA LEU B 26 10.23 4.94 12.20
C LEU B 26 10.20 3.52 12.78
N THR B 27 11.37 3.05 13.17
CA THR B 27 11.54 1.69 13.70
C THR B 27 10.75 1.51 15.03
N ILE B 28 10.92 2.46 15.94
CA ILE B 28 10.21 2.47 17.25
C ILE B 28 8.68 2.61 17.12
N GLN B 29 8.19 3.37 16.13
CA GLN B 29 6.77 3.39 15.79
C GLN B 29 6.28 2.02 15.37
N LEU B 30 7.03 1.34 14.52
CA LEU B 30 6.62 0.02 14.07
C LEU B 30 6.65 -0.98 15.23
N ILE B 31 7.71 -0.94 16.04
CA ILE B 31 7.90 -1.97 17.07
C ILE B 31 7.11 -1.67 18.36
N GLN B 32 7.16 -0.43 18.81
CA GLN B 32 6.64 -0.09 20.13
CA GLN B 32 6.64 -0.07 20.13
C GLN B 32 5.40 0.83 20.09
N ASN B 33 4.93 1.13 18.87
CA ASN B 33 3.72 1.94 18.62
C ASN B 33 3.66 3.28 19.33
N HIS B 34 4.79 3.94 19.43
CA HIS B 34 4.81 5.31 19.93
C HIS B 34 5.91 6.12 19.22
N PHE B 35 5.72 7.44 19.19
CA PHE B 35 6.62 8.37 18.55
C PHE B 35 7.57 9.02 19.56
N VAL B 36 8.85 8.85 19.32
CA VAL B 36 9.92 9.43 20.16
C VAL B 36 10.28 10.84 19.64
N ASP B 37 9.98 11.87 20.45
CA ASP B 37 10.34 13.22 20.01
C ASP B 37 11.75 13.68 20.41
N GLU B 38 12.37 12.99 21.35
CA GLU B 38 13.77 13.24 21.69
C GLU B 38 14.70 12.66 20.64
N TYR B 39 15.85 13.31 20.45
CA TYR B 39 16.90 12.78 19.59
C TYR B 39 18.03 12.12 20.41
N ASP B 40 18.16 10.81 20.26
CA ASP B 40 19.30 10.07 20.78
C ASP B 40 20.02 9.46 19.57
N PRO B 41 21.20 10.00 19.20
CA PRO B 41 21.94 9.45 18.04
C PRO B 41 22.31 7.98 18.21
N THR B 42 22.02 7.18 17.19
CA THR B 42 22.23 5.72 17.20
C THR B 42 23.65 5.34 16.81
N ILE B 43 24.15 4.24 17.39
CA ILE B 43 25.37 3.59 16.91
C ILE B 43 24.92 2.38 16.09
N GLU B 44 24.19 1.47 16.74
CA GLU B 44 23.55 0.34 16.06
C GLU B 44 22.66 -0.43 17.05
N ASP B 45 21.36 -0.56 16.73
CA ASP B 45 20.39 -1.31 17.56
C ASP B 45 19.65 -2.35 16.73
N SER B 46 19.37 -3.52 17.33
CA SER B 46 18.54 -4.55 16.67
C SER B 46 17.19 -4.70 17.35
N TYR B 47 16.13 -4.66 16.54
CA TYR B 47 14.77 -4.91 17.00
C TYR B 47 14.19 -6.17 16.35
N ARG B 48 13.09 -6.64 16.91
CA ARG B 48 12.44 -7.87 16.46
C ARG B 48 10.92 -7.76 16.60
N LYS B 49 10.20 -8.28 15.62
CA LYS B 49 8.72 -8.22 15.63
C LYS B 49 8.13 -9.38 14.84
N GLN B 50 7.14 -10.04 15.41
CA GLN B 50 6.39 -11.08 14.70
C GLN B 50 5.09 -10.46 14.13
N VAL B 51 4.86 -10.63 12.82
CA VAL B 51 3.73 -9.99 12.13
C VAL B 51 3.13 -10.93 11.06
N VAL B 52 1.87 -10.74 10.71
CA VAL B 52 1.28 -11.47 9.61
C VAL B 52 1.27 -10.56 8.37
N ILE B 53 1.82 -11.07 7.27
CA ILE B 53 1.86 -10.34 5.99
C ILE B 53 1.34 -11.30 4.93
N ASP B 54 0.26 -10.91 4.24
CA ASP B 54 -0.38 -11.77 3.23
C ASP B 54 -0.63 -13.19 3.78
N GLY B 55 -1.16 -13.26 4.99
CA GLY B 55 -1.66 -14.52 5.50
C GLY B 55 -0.64 -15.45 6.11
N GLU B 56 0.61 -14.99 6.20
CA GLU B 56 1.70 -15.81 6.72
C GLU B 56 2.39 -15.08 7.85
N THR B 57 2.68 -15.81 8.92
CA THR B 57 3.46 -15.27 10.06
C THR B 57 4.93 -15.09 9.64
N CYS B 58 5.46 -13.88 9.85
CA CYS B 58 6.83 -13.49 9.46
C CYS B 58 7.56 -13.01 10.72
N LEU B 59 8.85 -13.28 10.79
CA LEU B 59 9.68 -12.75 11.85
C LEU B 59 10.58 -11.65 11.24
N LEU B 60 10.44 -10.44 11.74
CA LEU B 60 11.28 -9.33 11.25
C LEU B 60 12.38 -9.02 12.23
N ASP B 61 13.62 -9.15 11.73
CA ASP B 61 14.86 -8.72 12.39
C ASP B 61 15.18 -7.38 11.75
N ILE B 62 15.13 -6.30 12.51
CA ILE B 62 15.29 -4.94 11.97
C ILE B 62 16.54 -4.30 12.60
N LEU B 63 17.51 -3.94 11.76
CA LEU B 63 18.70 -3.23 12.21
C LEU B 63 18.61 -1.73 11.97
N ASP B 64 18.66 -1.00 13.07
CA ASP B 64 18.63 0.45 13.04
C ASP B 64 20.07 0.96 13.15
N THR B 65 20.55 1.63 12.08
CA THR B 65 21.97 1.97 11.94
C THR B 65 22.26 3.44 12.19
N ALA B 66 23.57 3.78 12.20
CA ALA B 66 24.04 5.14 12.46
C ALA B 66 24.07 6.05 11.21
N GLY B 67 23.46 7.22 11.30
CA GLY B 67 23.67 8.28 10.32
C GLY B 67 25.01 9.00 10.48
N GLN B 68 25.52 9.08 11.72
CA GLN B 68 26.80 9.77 11.99
C GLN B 68 27.97 9.16 11.22
N GLU B 69 28.61 9.97 10.37
CA GLU B 69 29.75 9.52 9.52
C GLU B 69 30.92 8.92 10.28
N GLU B 70 31.05 9.26 11.57
CA GLU B 70 32.06 8.70 12.47
C GLU B 70 32.02 7.16 12.48
N TYR B 71 30.82 6.59 12.28
CA TYR B 71 30.59 5.13 12.32
C TYR B 71 30.45 4.41 10.96
N SER B 72 30.82 5.12 9.88
CA SER B 72 30.75 4.59 8.51
C SER B 72 31.47 3.26 8.24
N ALA B 73 32.51 2.95 9.03
CA ALA B 73 33.27 1.69 8.86
C ALA B 73 32.46 0.44 9.19
N MET B 74 31.36 0.64 9.90
CA MET B 74 30.46 -0.44 10.28
C MET B 74 29.53 -0.89 9.12
N ARG B 75 29.44 -0.07 8.07
CA ARG B 75 28.55 -0.32 6.93
C ARG B 75 28.83 -1.61 6.17
N ASP B 76 30.10 -1.86 5.82
CA ASP B 76 30.43 -3.09 5.10
C ASP B 76 29.79 -4.34 5.77
N GLN B 77 29.93 -4.46 7.09
CA GLN B 77 29.40 -5.65 7.81
C GLN B 77 27.87 -5.82 7.72
N TYR B 78 27.13 -4.76 8.03
CA TYR B 78 25.66 -4.86 8.00
C TYR B 78 25.10 -4.95 6.60
N MET B 79 25.86 -4.46 5.62
CA MET B 79 25.41 -4.54 4.23
C MET B 79 25.54 -6.00 3.72
N ARG B 80 26.60 -6.68 4.15
CA ARG B 80 26.82 -8.07 3.80
C ARG B 80 25.69 -8.98 4.37
N THR B 81 25.31 -8.73 5.62
CA THR B 81 24.32 -9.56 6.29
C THR B 81 22.85 -9.23 5.94
N GLY B 82 22.51 -7.96 5.73
CA GLY B 82 21.10 -7.53 5.56
C GLY B 82 20.49 -8.07 4.26
N GLU B 83 19.19 -8.37 4.26
CA GLU B 83 18.54 -8.89 3.04
C GLU B 83 17.84 -7.77 2.25
N GLY B 84 17.42 -6.72 2.94
CA GLY B 84 16.76 -5.59 2.27
C GLY B 84 16.98 -4.33 3.07
N PHE B 85 16.92 -3.19 2.37
CA PHE B 85 17.33 -1.88 2.92
C PHE B 85 16.27 -0.81 2.76
N LEU B 86 15.92 -0.15 3.86
CA LEU B 86 15.01 0.97 3.84
C LEU B 86 15.92 2.20 3.84
N CYS B 87 15.97 2.92 2.70
CA CYS B 87 16.87 4.11 2.55
C CYS B 87 16.04 5.37 2.81
N VAL B 88 16.27 5.98 3.97
CA VAL B 88 15.44 7.09 4.47
C VAL B 88 16.12 8.45 4.30
N PHE B 89 15.36 9.43 3.81
CA PHE B 89 15.74 10.85 3.89
C PHE B 89 14.57 11.59 4.49
N ALA B 90 14.75 12.87 4.81
CA ALA B 90 13.68 13.68 5.33
C ALA B 90 13.34 14.73 4.26
N ILE B 91 12.04 14.91 4.01
CA ILE B 91 11.58 15.74 2.90
C ILE B 91 11.88 17.25 3.13
N ASN B 92 12.30 17.60 4.36
CA ASN B 92 12.76 18.98 4.65
C ASN B 92 14.28 19.13 4.71
N ASN B 93 15.02 18.14 4.24
CA ASN B 93 16.48 18.12 4.40
C ASN B 93 17.10 17.67 3.08
N THR B 94 17.45 18.63 2.24
CA THR B 94 18.01 18.37 0.90
C THR B 94 19.29 17.54 0.98
N LYS B 95 20.18 17.82 1.94
CA LYS B 95 21.42 17.03 2.01
C LYS B 95 21.13 15.56 2.27
N SER B 96 20.14 15.26 3.12
CA SER B 96 19.83 13.86 3.42
C SER B 96 19.36 13.13 2.15
N PHE B 97 18.62 13.84 1.27
CA PHE B 97 18.18 13.29 -0.02
C PHE B 97 19.38 13.03 -0.95
N GLU B 98 20.31 13.99 -1.04
CA GLU B 98 21.58 13.79 -1.85
C GLU B 98 22.40 12.60 -1.35
N ASP B 99 22.46 12.42 -0.03
CA ASP B 99 23.26 11.38 0.62
C ASP B 99 22.75 9.96 0.43
N ILE B 100 21.52 9.80 -0.06
CA ILE B 100 20.99 8.47 -0.37
C ILE B 100 21.92 7.71 -1.32
N HIS B 101 22.44 8.41 -2.33
CA HIS B 101 23.28 7.80 -3.36
C HIS B 101 24.49 7.06 -2.78
N GLN B 102 25.15 7.66 -1.79
CA GLN B 102 26.28 6.98 -1.15
C GLN B 102 25.89 5.66 -0.45
N TYR B 103 24.68 5.60 0.13
CA TYR B 103 24.20 4.33 0.68
C TYR B 103 23.92 3.29 -0.40
N ARG B 104 23.12 3.65 -1.40
CA ARG B 104 22.81 2.73 -2.48
CA ARG B 104 22.80 2.71 -2.49
C ARG B 104 24.07 2.18 -3.17
N GLU B 105 25.04 3.07 -3.43
CA GLU B 105 26.29 2.72 -4.12
C GLU B 105 27.12 1.70 -3.34
N GLN B 106 27.26 1.88 -2.03
CA GLN B 106 28.00 0.90 -1.26
C GLN B 106 27.25 -0.43 -1.13
N ILE B 107 25.91 -0.38 -0.97
CA ILE B 107 25.11 -1.61 -0.90
C ILE B 107 25.34 -2.47 -2.19
N LYS B 108 25.23 -1.84 -3.34
CA LYS B 108 25.47 -2.54 -4.62
C LYS B 108 26.84 -3.19 -4.72
N ARG B 109 27.87 -2.47 -4.27
CA ARG B 109 29.27 -2.92 -4.36
C ARG B 109 29.47 -4.11 -3.42
N VAL B 110 28.91 -4.03 -2.22
CA VAL B 110 29.03 -5.10 -1.22
C VAL B 110 28.28 -6.37 -1.64
N LYS B 111 27.09 -6.21 -2.19
CA LYS B 111 26.26 -7.33 -2.61
C LYS B 111 26.62 -7.81 -4.00
N ASP B 112 27.45 -7.01 -4.69
CA ASP B 112 27.82 -7.25 -6.08
C ASP B 112 26.58 -7.47 -6.96
N SER B 113 25.60 -6.60 -6.80
CA SER B 113 24.32 -6.74 -7.50
C SER B 113 23.62 -5.39 -7.69
N ASP B 114 22.98 -5.21 -8.85
CA ASP B 114 22.14 -4.04 -9.12
C ASP B 114 20.72 -4.27 -8.67
N ASP B 115 20.46 -5.40 -8.03
CA ASP B 115 19.10 -5.91 -7.86
C ASP B 115 18.74 -6.17 -6.39
N VAL B 116 19.34 -5.43 -5.47
CA VAL B 116 19.15 -5.67 -4.05
C VAL B 116 17.76 -5.11 -3.59
N PRO B 117 16.94 -5.91 -2.82
CA PRO B 117 15.65 -5.39 -2.27
C PRO B 117 15.85 -4.09 -1.51
N MET B 118 15.14 -3.03 -1.94
CA MET B 118 15.35 -1.70 -1.37
C MET B 118 14.05 -0.90 -1.52
N VAL B 119 13.79 0.00 -0.57
CA VAL B 119 12.69 0.93 -0.70
C VAL B 119 13.19 2.34 -0.34
N LEU B 120 12.85 3.33 -1.15
CA LEU B 120 13.18 4.72 -0.87
C LEU B 120 12.07 5.37 -0.02
N VAL B 121 12.44 5.92 1.15
CA VAL B 121 11.49 6.48 2.09
C VAL B 121 11.71 7.97 2.28
N GLY B 122 10.70 8.77 1.91
CA GLY B 122 10.71 10.20 2.23
C GLY B 122 9.95 10.46 3.54
N ASN B 123 10.71 10.56 4.64
CA ASN B 123 10.13 10.74 5.99
C ASN B 123 9.84 12.19 6.39
N LYS B 124 9.11 12.35 7.51
CA LYS B 124 8.65 13.66 8.03
C LYS B 124 7.64 14.35 7.14
N CYS B 125 6.76 13.58 6.49
CA CYS B 125 5.78 14.12 5.53
CA CYS B 125 5.79 14.15 5.55
C CYS B 125 4.70 14.97 6.19
N ASP B 126 4.64 14.93 7.52
CA ASP B 126 3.78 15.80 8.32
C ASP B 126 4.23 17.28 8.31
N LEU B 127 5.50 17.52 8.00
CA LEU B 127 6.08 18.88 8.00
C LEU B 127 5.76 19.68 6.75
N ALA B 128 5.45 20.97 6.97
CA ALA B 128 5.10 21.93 5.91
C ALA B 128 6.29 22.35 5.03
N ALA B 129 7.46 22.50 5.65
CA ALA B 129 8.61 23.10 5.01
C ALA B 129 9.36 22.13 4.10
N ARG B 130 8.72 21.71 3.03
CA ARG B 130 9.31 20.73 2.14
C ARG B 130 10.40 21.33 1.23
N THR B 131 11.57 20.69 1.17
CA THR B 131 12.64 21.12 0.26
C THR B 131 12.91 20.10 -0.85
N VAL B 132 12.41 18.87 -0.68
CA VAL B 132 12.58 17.85 -1.72
C VAL B 132 11.21 17.54 -2.32
N GLU B 133 11.02 17.79 -3.61
CA GLU B 133 9.70 17.51 -4.21
C GLU B 133 9.45 16.01 -4.37
N SER B 134 8.20 15.57 -4.22
CA SER B 134 7.88 14.14 -4.43
C SER B 134 8.42 13.68 -5.79
N ARG B 135 8.24 14.52 -6.80
CA ARG B 135 8.67 14.15 -8.13
C ARG B 135 10.19 13.97 -8.26
N GLN B 136 11.00 14.73 -7.51
CA GLN B 136 12.45 14.48 -7.47
C GLN B 136 12.72 13.10 -6.92
N ALA B 137 12.12 12.77 -5.79
CA ALA B 137 12.34 11.45 -5.18
C ALA B 137 11.85 10.32 -6.10
N GLN B 138 10.71 10.53 -6.77
CA GLN B 138 10.24 9.56 -7.81
C GLN B 138 11.27 9.31 -8.92
N ASP B 139 11.87 10.38 -9.46
CA ASP B 139 12.97 10.29 -10.47
C ASP B 139 14.17 9.48 -9.94
N LEU B 140 14.58 9.74 -8.70
CA LEU B 140 15.65 8.97 -8.07
C LEU B 140 15.28 7.45 -7.96
N ALA B 141 14.09 7.17 -7.42
CA ALA B 141 13.62 5.78 -7.24
C ALA B 141 13.54 5.05 -8.58
N ARG B 142 13.04 5.76 -9.61
CA ARG B 142 12.96 5.20 -10.97
C ARG B 142 14.36 4.87 -11.50
N SER B 143 15.33 5.76 -11.25
CA SER B 143 16.72 5.54 -11.71
C SER B 143 17.35 4.31 -11.01
N TYR B 144 16.89 3.97 -9.81
CA TYR B 144 17.35 2.79 -9.10
C TYR B 144 16.48 1.52 -9.31
N GLY B 145 15.31 1.67 -9.93
CA GLY B 145 14.36 0.56 -10.10
C GLY B 145 13.73 0.10 -8.76
N ILE B 146 13.49 1.02 -7.81
CA ILE B 146 12.86 0.68 -6.52
C ILE B 146 11.63 1.56 -6.23
N PRO B 147 10.73 1.09 -5.32
CA PRO B 147 9.59 1.89 -4.86
C PRO B 147 9.97 3.13 -4.05
N TYR B 148 9.16 4.19 -4.22
CA TYR B 148 9.22 5.35 -3.34
C TYR B 148 7.94 5.44 -2.53
N ILE B 149 8.09 5.68 -1.23
CA ILE B 149 6.93 5.91 -0.37
CA ILE B 149 6.95 5.86 -0.33
C ILE B 149 7.21 7.04 0.63
N GLU B 150 6.23 7.91 0.82
CA GLU B 150 6.37 8.97 1.83
C GLU B 150 5.77 8.56 3.19
N THR B 151 6.45 8.91 4.29
CA THR B 151 6.05 8.47 5.64
C THR B 151 6.08 9.61 6.65
N SER B 152 5.36 9.42 7.77
CA SER B 152 5.56 10.24 8.94
C SER B 152 5.65 9.33 10.15
N ALA B 153 6.81 9.30 10.81
CA ALA B 153 6.95 8.54 12.07
C ALA B 153 6.05 9.17 13.15
N LYS B 154 5.77 10.46 13.01
CA LYS B 154 4.98 11.20 13.97
C LYS B 154 3.49 10.79 13.97
N THR B 155 2.87 10.73 12.79
CA THR B 155 1.44 10.42 12.68
C THR B 155 1.19 8.95 12.33
N ARG B 156 2.25 8.22 11.99
CA ARG B 156 2.18 6.81 11.54
C ARG B 156 1.83 6.65 10.07
N GLN B 157 1.58 7.75 9.39
CA GLN B 157 1.25 7.67 7.97
C GLN B 157 2.35 6.91 7.21
N GLY B 158 1.95 5.91 6.44
CA GLY B 158 2.88 5.14 5.59
C GLY B 158 3.87 4.20 6.25
N VAL B 159 3.92 4.18 7.58
CA VAL B 159 4.99 3.44 8.30
C VAL B 159 4.93 1.92 8.07
N GLU B 160 3.76 1.33 8.30
CA GLU B 160 3.57 -0.12 8.00
C GLU B 160 3.79 -0.39 6.53
N ASP B 161 3.21 0.45 5.67
CA ASP B 161 3.33 0.27 4.20
CA ASP B 161 3.33 0.24 4.23
C ASP B 161 4.80 0.19 3.78
N ALA B 162 5.62 1.12 4.27
CA ALA B 162 7.09 1.14 3.94
C ALA B 162 7.82 -0.15 4.35
N PHE B 163 7.66 -0.57 5.60
CA PHE B 163 8.37 -1.77 6.07
C PHE B 163 7.83 -3.01 5.39
N TYR B 164 6.51 -3.09 5.19
CA TYR B 164 5.91 -4.34 4.67
C TYR B 164 6.12 -4.43 3.16
N THR B 165 6.21 -3.28 2.50
CA THR B 165 6.63 -3.21 1.09
C THR B 165 8.06 -3.76 0.94
N LEU B 166 8.96 -3.37 1.85
CA LEU B 166 10.29 -3.97 1.85
C LEU B 166 10.29 -5.49 2.09
N VAL B 167 9.50 -5.99 3.05
CA VAL B 167 9.39 -7.44 3.26
C VAL B 167 8.95 -8.12 1.96
N ARG B 168 7.90 -7.61 1.32
CA ARG B 168 7.46 -8.12 -0.02
C ARG B 168 8.56 -8.01 -1.12
N GLU B 169 9.37 -6.94 -1.10
CA GLU B 169 10.48 -6.88 -2.07
C GLU B 169 11.47 -8.06 -1.87
N ILE B 170 11.77 -8.41 -0.62
CA ILE B 170 12.70 -9.51 -0.33
C ILE B 170 12.04 -10.84 -0.70
N ARG B 171 10.78 -11.01 -0.29
CA ARG B 171 10.05 -12.23 -0.54
C ARG B 171 9.92 -12.52 -2.03
N GLN B 172 9.66 -11.48 -2.83
CA GLN B 172 9.40 -11.68 -4.27
C GLN B 172 10.68 -11.75 -5.11
N HIS B 173 11.80 -11.36 -4.53
CA HIS B 173 13.08 -11.35 -5.21
C HIS B 173 13.34 -12.76 -5.70
N GLU C 5 -34.14 -10.80 -26.24
CA GLU C 5 -34.92 -9.75 -26.95
C GLU C 5 -35.85 -8.93 -26.02
N GLU C 6 -35.98 -9.30 -24.75
CA GLU C 6 -36.81 -8.53 -23.83
C GLU C 6 -36.08 -7.31 -23.18
N SER C 7 -34.75 -7.33 -23.23
CA SER C 7 -33.89 -6.33 -22.55
C SER C 7 -32.95 -5.63 -23.49
N PHE C 8 -32.38 -4.52 -23.03
CA PHE C 8 -31.33 -3.82 -23.72
C PHE C 8 -30.40 -3.18 -22.72
N PHE C 9 -29.22 -2.77 -23.18
CA PHE C 9 -28.22 -2.18 -22.31
C PHE C 9 -28.21 -0.67 -22.54
N VAL C 10 -28.21 0.10 -21.46
CA VAL C 10 -28.14 1.55 -21.51
C VAL C 10 -26.97 2.02 -20.65
N GLN C 11 -26.16 2.93 -21.16
CA GLN C 11 -25.13 3.56 -20.33
C GLN C 11 -25.66 4.93 -19.93
N VAL C 12 -25.59 5.23 -18.63
CA VAL C 12 -26.08 6.54 -18.19
C VAL C 12 -24.87 7.32 -17.70
N HIS C 13 -24.79 8.60 -18.10
CA HIS C 13 -23.64 9.47 -17.88
C HIS C 13 -23.94 10.58 -16.88
N ASP C 14 -22.86 11.14 -16.30
CA ASP C 14 -22.94 12.24 -15.32
C ASP C 14 -23.81 11.89 -14.12
N VAL C 15 -23.77 10.64 -13.67
CA VAL C 15 -24.68 10.14 -12.64
C VAL C 15 -24.43 10.84 -11.28
N SER C 16 -23.18 10.85 -10.83
CA SER C 16 -22.82 11.55 -9.59
C SER C 16 -21.36 11.96 -9.70
N PRO C 17 -20.90 12.89 -8.84
CA PRO C 17 -19.48 13.20 -8.86
C PRO C 17 -18.56 11.96 -8.68
N GLU C 18 -18.92 11.01 -7.82
CA GLU C 18 -18.00 9.86 -7.58
C GLU C 18 -18.28 8.70 -8.52
N GLN C 19 -19.47 8.67 -9.11
CA GLN C 19 -19.81 7.62 -10.09
C GLN C 19 -20.29 8.25 -11.41
N PRO C 20 -19.35 8.65 -12.29
CA PRO C 20 -19.69 9.31 -13.55
C PRO C 20 -20.59 8.45 -14.48
N ARG C 21 -20.35 7.14 -14.53
CA ARG C 21 -21.06 6.28 -15.51
C ARG C 21 -21.47 4.93 -14.96
N THR C 22 -22.58 4.40 -15.47
CA THR C 22 -23.04 3.06 -15.12
C THR C 22 -23.73 2.46 -16.36
N VAL C 23 -23.56 1.15 -16.54
CA VAL C 23 -24.30 0.39 -17.54
C VAL C 23 -25.32 -0.51 -16.85
N ILE C 24 -26.56 -0.42 -17.33
CA ILE C 24 -27.63 -1.22 -16.74
CA ILE C 24 -27.71 -1.11 -16.76
C ILE C 24 -28.34 -2.00 -17.84
N LYS C 25 -28.92 -3.12 -17.43
CA LYS C 25 -29.74 -3.96 -18.33
C LYS C 25 -31.19 -3.69 -17.95
N ALA C 26 -31.94 -3.09 -18.88
CA ALA C 26 -33.31 -2.62 -18.63
C ALA C 26 -34.28 -3.38 -19.54
N PRO C 27 -35.52 -3.69 -19.06
CA PRO C 27 -36.58 -4.14 -20.00
C PRO C 27 -36.78 -3.14 -21.15
N ARG C 28 -36.99 -3.65 -22.37
CA ARG C 28 -37.21 -2.73 -23.50
C ARG C 28 -38.46 -1.87 -23.33
N VAL C 29 -39.42 -2.34 -22.54
CA VAL C 29 -40.62 -1.55 -22.23
C VAL C 29 -40.37 -0.37 -21.27
N SER C 30 -39.13 -0.22 -20.78
CA SER C 30 -38.86 0.73 -19.68
C SER C 30 -39.11 2.17 -20.09
N THR C 31 -39.83 2.90 -19.23
CA THR C 31 -39.94 4.36 -19.36
C THR C 31 -38.65 5.09 -18.90
N ALA C 32 -38.53 6.39 -19.19
CA ALA C 32 -37.42 7.19 -18.62
C ALA C 32 -37.41 7.08 -17.07
N GLN C 33 -38.57 7.23 -16.44
CA GLN C 33 -38.67 6.99 -14.97
C GLN C 33 -38.21 5.63 -14.47
N ASP C 34 -38.46 4.56 -15.24
CA ASP C 34 -38.04 3.21 -14.87
C ASP C 34 -36.50 3.14 -14.92
N VAL C 35 -35.91 3.67 -16.00
CA VAL C 35 -34.44 3.68 -16.15
C VAL C 35 -33.77 4.59 -15.11
N ILE C 36 -34.37 5.74 -14.86
CA ILE C 36 -33.91 6.62 -13.75
C ILE C 36 -33.88 5.88 -12.39
N GLN C 37 -34.95 5.15 -12.04
CA GLN C 37 -34.99 4.43 -10.79
C GLN C 37 -33.91 3.34 -10.75
N GLN C 38 -33.69 2.63 -11.85
CA GLN C 38 -32.61 1.63 -11.87
C GLN C 38 -31.23 2.23 -11.63
N THR C 39 -31.01 3.40 -12.21
CA THR C 39 -29.74 4.14 -12.16
C THR C 39 -29.55 4.59 -10.70
N LEU C 40 -30.65 5.14 -10.06
CA LEU C 40 -30.56 5.64 -8.67
C LEU C 40 -30.26 4.51 -7.70
N CYS C 41 -30.76 3.32 -8.04
CA CYS C 41 -30.42 2.12 -7.30
CA CYS C 41 -30.45 2.12 -7.29
C CYS C 41 -28.95 1.76 -7.43
N LYS C 42 -28.42 1.75 -8.67
CA LYS C 42 -26.96 1.56 -8.89
C LYS C 42 -26.10 2.58 -8.15
N ALA C 43 -26.51 3.86 -8.14
CA ALA C 43 -25.70 4.92 -7.51
C ALA C 43 -26.20 5.29 -6.08
N LYS C 44 -26.90 4.35 -5.42
CA LYS C 44 -27.67 4.65 -4.21
C LYS C 44 -26.78 5.09 -3.02
N TYR C 45 -25.49 4.82 -3.07
CA TYR C 45 -24.58 5.20 -1.97
C TYR C 45 -23.77 6.43 -2.31
N SER C 46 -23.94 6.99 -3.52
CA SER C 46 -23.33 8.28 -3.85
C SER C 46 -23.95 9.33 -2.91
N LEU C 47 -23.15 10.27 -2.40
CA LEU C 47 -23.71 11.25 -1.46
C LEU C 47 -24.77 12.13 -2.10
N SER C 48 -24.57 12.51 -3.38
CA SER C 48 -25.53 13.37 -4.09
C SER C 48 -26.88 12.66 -4.23
N ILE C 49 -26.82 11.33 -4.37
CA ILE C 49 -28.01 10.50 -4.50
C ILE C 49 -28.70 10.22 -3.15
N LEU C 50 -27.94 9.91 -2.10
CA LEU C 50 -28.54 9.84 -0.74
C LEU C 50 -29.30 11.12 -0.38
N SER C 51 -28.78 12.25 -0.84
CA SER C 51 -29.36 13.57 -0.65
C SER C 51 -30.66 13.75 -1.45
N ASN C 52 -30.66 13.27 -2.70
CA ASN C 52 -31.83 13.42 -3.57
C ASN C 52 -32.15 12.08 -4.22
N PRO C 53 -32.84 11.17 -3.50
CA PRO C 53 -33.07 9.83 -4.01
C PRO C 53 -34.38 9.59 -4.81
N ASN C 54 -35.18 10.65 -5.04
CA ASN C 54 -36.48 10.47 -5.67
CA ASN C 54 -36.51 10.53 -5.67
C ASN C 54 -36.39 10.61 -7.20
N PRO C 55 -36.71 9.52 -7.92
CA PRO C 55 -36.54 9.55 -9.39
C PRO C 55 -37.39 10.65 -10.05
N SER C 56 -38.54 11.01 -9.47
CA SER C 56 -39.39 12.04 -10.06
C SER C 56 -38.71 13.41 -10.10
N ASP C 57 -37.60 13.58 -9.36
CA ASP C 57 -36.79 14.81 -9.41
C ASP C 57 -35.79 14.90 -10.56
N TYR C 58 -35.72 13.84 -11.37
CA TYR C 58 -34.69 13.71 -12.40
C TYR C 58 -35.30 13.56 -13.78
N VAL C 59 -34.47 13.85 -14.79
CA VAL C 59 -34.69 13.56 -16.23
C VAL C 59 -33.47 12.86 -16.84
N LEU C 60 -33.68 12.18 -17.97
CA LEU C 60 -32.64 11.77 -18.86
C LEU C 60 -32.62 12.78 -20.01
N LEU C 61 -31.44 13.29 -20.32
CA LEU C 61 -31.17 14.04 -21.56
C LEU C 61 -30.51 13.12 -22.54
N GLU C 62 -30.95 13.16 -23.80
CA GLU C 62 -30.19 12.49 -24.83
C GLU C 62 -29.37 13.55 -25.59
N GLU C 63 -28.11 13.25 -25.83
CA GLU C 63 -27.25 14.07 -26.66
C GLU C 63 -26.80 13.20 -27.85
N VAL C 64 -27.01 13.72 -29.06
CA VAL C 64 -26.79 12.94 -30.28
C VAL C 64 -25.91 13.78 -31.26
N VAL C 65 -24.86 13.17 -31.80
CA VAL C 65 -24.06 13.90 -32.81
C VAL C 65 -24.70 13.92 -34.19
N LYS C 66 -24.68 15.11 -34.79
CA LYS C 66 -25.20 15.36 -36.13
C LYS C 66 -24.05 15.29 -37.16
N ASP C 67 -24.28 14.80 -38.37
CA ASP C 67 -25.61 14.64 -38.99
C ASP C 67 -26.50 13.56 -38.39
N LYS C 77 -21.02 18.88 -34.17
CA LYS C 77 -22.20 19.48 -33.56
C LYS C 77 -23.15 18.40 -33.00
N SER C 78 -23.66 18.63 -31.80
CA SER C 78 -24.61 17.72 -31.16
C SER C 78 -25.91 18.41 -30.82
N SER C 79 -27.01 17.69 -30.92
CA SER C 79 -28.28 18.15 -30.36
C SER C 79 -28.54 17.49 -28.98
N GLN C 80 -29.36 18.16 -28.16
CA GLN C 80 -29.84 17.63 -26.88
C GLN C 80 -31.36 17.75 -26.79
N ARG C 81 -31.97 16.82 -26.07
CA ARG C 81 -33.41 16.78 -25.86
C ARG C 81 -33.68 16.11 -24.50
N VAL C 82 -34.57 16.70 -23.72
CA VAL C 82 -35.02 16.12 -22.45
C VAL C 82 -36.12 15.08 -22.69
N LEU C 83 -35.90 13.83 -22.28
CA LEU C 83 -36.97 12.82 -22.35
C LEU C 83 -38.14 13.10 -21.42
N LEU C 84 -39.35 12.82 -21.89
CA LEU C 84 -40.54 12.83 -21.03
C LEU C 84 -40.46 11.72 -19.97
N ASP C 85 -41.08 11.95 -18.81
CA ASP C 85 -41.05 10.99 -17.72
C ASP C 85 -41.49 9.59 -18.14
N GLN C 86 -42.53 9.51 -18.98
CA GLN C 86 -43.16 8.21 -19.32
C GLN C 86 -42.85 7.69 -20.73
N GLU C 87 -41.95 8.39 -21.42
CA GLU C 87 -41.44 8.02 -22.74
C GLU C 87 -40.61 6.73 -22.67
N CYS C 88 -40.70 5.88 -23.70
CA CYS C 88 -39.93 4.65 -23.80
C CYS C 88 -38.47 4.91 -24.24
N VAL C 89 -37.53 4.57 -23.36
CA VAL C 89 -36.10 4.87 -23.59
C VAL C 89 -35.57 4.14 -24.83
N PHE C 90 -35.91 2.84 -24.94
CA PHE C 90 -35.54 2.02 -26.11
C PHE C 90 -36.04 2.61 -27.43
N GLN C 91 -37.24 3.21 -27.42
CA GLN C 91 -37.75 3.89 -28.63
C GLN C 91 -36.86 5.08 -28.99
N ALA C 92 -36.45 5.85 -27.97
CA ALA C 92 -35.63 7.06 -28.22
C ALA C 92 -34.28 6.68 -28.77
N GLN C 93 -33.62 5.69 -28.14
CA GLN C 93 -32.31 5.20 -28.55
C GLN C 93 -32.34 4.65 -30.00
N SER C 94 -33.42 3.93 -30.34
CA SER C 94 -33.60 3.33 -31.68
C SER C 94 -33.74 4.36 -32.80
N LYS C 95 -34.21 5.56 -32.46
CA LYS C 95 -34.30 6.69 -33.40
C LYS C 95 -33.04 7.55 -33.66
N TRP C 96 -31.96 7.26 -32.95
CA TRP C 96 -30.74 8.07 -33.03
C TRP C 96 -30.16 8.01 -34.44
N LYS C 97 -29.71 9.15 -34.93
CA LYS C 97 -29.22 9.28 -36.31
C LYS C 97 -27.75 8.95 -36.72
N GLY C 98 -26.67 9.10 -35.92
CA GLY C 98 -26.53 9.76 -34.63
C GLY C 98 -25.83 8.89 -33.58
N ALA C 99 -24.51 9.04 -33.37
CA ALA C 99 -23.87 8.53 -32.12
C ALA C 99 -24.43 9.30 -30.91
N GLY C 100 -24.80 8.60 -29.84
CA GLY C 100 -25.57 9.26 -28.78
C GLY C 100 -25.26 8.77 -27.39
N LYS C 101 -25.75 9.53 -26.41
CA LYS C 101 -25.57 9.22 -24.98
C LYS C 101 -26.75 9.75 -24.16
N PHE C 102 -27.07 9.08 -23.05
CA PHE C 102 -28.08 9.56 -22.11
C PHE C 102 -27.38 10.13 -20.85
N ILE C 103 -27.86 11.27 -20.38
CA ILE C 103 -27.26 12.02 -19.26
C ILE C 103 -28.30 12.20 -18.17
N LEU C 104 -27.95 11.85 -16.94
CA LEU C 104 -28.86 12.01 -15.80
C LEU C 104 -28.73 13.47 -15.30
N LYS C 105 -29.86 14.17 -15.14
CA LYS C 105 -29.86 15.53 -14.56
C LYS C 105 -31.04 15.76 -13.65
N LEU C 106 -30.85 16.55 -12.59
CA LEU C 106 -32.00 17.06 -11.84
C LEU C 106 -32.88 17.96 -12.69
N LYS C 107 -34.20 17.84 -12.53
CA LYS C 107 -35.16 18.70 -13.21
C LYS C 107 -34.87 20.18 -12.94
N GLU C 108 -34.43 20.49 -11.71
CA GLU C 108 -34.08 21.89 -11.34
C GLU C 108 -32.92 22.47 -12.14
N GLN C 109 -32.01 21.60 -12.60
CA GLN C 109 -30.90 22.00 -13.46
C GLN C 109 -31.36 22.25 -14.89
N VAL C 110 -32.43 21.55 -15.31
CA VAL C 110 -32.93 21.66 -16.68
C VAL C 110 -33.86 22.85 -16.81
N GLU D 5 40.08 6.12 21.89
CA GLU D 5 41.30 6.26 22.74
C GLU D 5 41.00 5.90 24.20
N GLU D 6 40.21 6.76 24.84
CA GLU D 6 39.75 6.54 26.22
C GLU D 6 38.41 5.77 26.24
N SER D 7 37.95 5.33 25.06
CA SER D 7 36.65 4.67 24.89
C SER D 7 36.72 3.32 24.20
N PHE D 8 35.66 2.52 24.32
CA PHE D 8 35.46 1.28 23.57
C PHE D 8 33.98 0.96 23.27
N PHE D 9 33.74 0.00 22.37
CA PHE D 9 32.38 -0.37 21.96
C PHE D 9 31.93 -1.71 22.54
N VAL D 10 30.74 -1.73 23.14
CA VAL D 10 30.19 -2.96 23.72
C VAL D 10 28.86 -3.29 23.07
N GLN D 11 28.70 -4.55 22.66
CA GLN D 11 27.39 -5.09 22.31
C GLN D 11 26.79 -5.80 23.50
N VAL D 12 25.58 -5.41 23.86
CA VAL D 12 24.84 -6.11 24.90
C VAL D 12 23.68 -6.86 24.23
N HIS D 13 23.58 -8.15 24.54
CA HIS D 13 22.60 -9.04 23.94
C HIS D 13 21.43 -9.33 24.88
N ASP D 14 20.30 -9.71 24.29
CA ASP D 14 19.08 -10.15 25.00
C ASP D 14 18.53 -9.08 25.93
N VAL D 15 18.57 -7.83 25.47
CA VAL D 15 18.16 -6.65 26.23
C VAL D 15 16.67 -6.66 26.57
N SER D 16 15.85 -7.06 25.60
CA SER D 16 14.42 -7.25 25.79
C SER D 16 13.91 -8.10 24.63
N PRO D 17 12.65 -8.57 24.70
CA PRO D 17 12.16 -9.41 23.61
C PRO D 17 12.00 -8.66 22.29
N GLU D 18 11.67 -7.36 22.37
CA GLU D 18 11.59 -6.45 21.21
C GLU D 18 12.97 -5.99 20.73
N GLN D 19 13.95 -6.00 21.63
CA GLN D 19 15.25 -5.45 21.31
C GLN D 19 16.42 -6.36 21.72
N PRO D 20 16.70 -7.37 20.87
CA PRO D 20 17.77 -8.33 21.18
C PRO D 20 19.23 -7.84 21.28
N ARG D 21 19.57 -6.68 20.69
CA ARG D 21 20.96 -6.17 20.77
C ARG D 21 21.02 -4.65 20.74
N THR D 22 22.03 -4.10 21.40
CA THR D 22 22.39 -2.68 21.31
C THR D 22 23.90 -2.52 21.40
N VAL D 23 24.41 -1.49 20.71
CA VAL D 23 25.84 -1.19 20.69
C VAL D 23 26.04 0.12 21.45
N ILE D 24 26.97 0.07 22.41
CA ILE D 24 27.25 1.14 23.35
C ILE D 24 28.71 1.60 23.23
N LYS D 25 28.91 2.92 23.27
CA LYS D 25 30.25 3.53 23.39
C LYS D 25 30.51 3.85 24.87
N ALA D 26 31.42 3.10 25.48
CA ALA D 26 31.71 3.23 26.91
C ALA D 26 33.17 3.63 27.16
N PRO D 27 33.42 4.52 28.15
CA PRO D 27 34.85 4.71 28.50
C PRO D 27 35.39 3.43 29.12
N ARG D 28 36.61 3.05 28.71
CA ARG D 28 37.25 1.77 29.06
C ARG D 28 37.25 1.42 30.55
N VAL D 29 37.22 2.46 31.39
CA VAL D 29 37.22 2.32 32.84
C VAL D 29 35.83 2.01 33.43
N SER D 30 34.82 1.85 32.56
CA SER D 30 33.42 1.63 32.99
C SER D 30 33.21 0.35 33.75
N THR D 31 32.36 0.42 34.77
CA THR D 31 31.99 -0.73 35.58
C THR D 31 30.85 -1.50 34.89
N ALA D 32 30.58 -2.73 35.35
CA ALA D 32 29.48 -3.52 34.78
C ALA D 32 28.13 -2.83 35.03
N GLN D 33 27.97 -2.25 36.21
CA GLN D 33 26.79 -1.44 36.52
C GLN D 33 26.65 -0.19 35.64
N ASP D 34 27.81 0.33 35.18
CA ASP D 34 27.87 1.50 34.30
C ASP D 34 27.42 1.19 32.87
N VAL D 35 27.87 0.05 32.35
CA VAL D 35 27.41 -0.50 31.08
C VAL D 35 25.91 -0.84 31.13
N ILE D 36 25.46 -1.52 32.19
CA ILE D 36 24.05 -1.86 32.39
C ILE D 36 23.21 -0.59 32.43
N GLN D 37 23.76 0.45 33.06
CA GLN D 37 23.09 1.74 33.13
C GLN D 37 22.93 2.34 31.73
N GLN D 38 23.99 2.33 30.94
CA GLN D 38 23.91 2.77 29.52
C GLN D 38 22.86 1.95 28.72
N THR D 39 22.90 0.63 28.89
CA THR D 39 21.96 -0.31 28.27
C THR D 39 20.50 -0.05 28.62
N LEU D 40 20.22 0.15 29.91
CA LEU D 40 18.86 0.42 30.36
C LEU D 40 18.34 1.76 29.83
N CYS D 41 19.24 2.71 29.60
CA CYS D 41 18.86 3.97 28.98
C CYS D 41 18.41 3.80 27.52
N LYS D 42 19.12 2.93 26.78
CA LYS D 42 18.76 2.62 25.39
C LYS D 42 17.38 2.01 25.32
N ALA D 43 17.16 0.98 26.14
CA ALA D 43 15.93 0.18 26.10
C ALA D 43 14.82 0.75 26.98
N LYS D 44 14.89 2.04 27.27
CA LYS D 44 13.90 2.74 28.09
C LYS D 44 12.44 2.46 27.66
N TYR D 45 12.23 2.19 26.37
CA TYR D 45 10.88 1.98 25.79
C TYR D 45 10.40 0.52 25.75
N SER D 46 11.29 -0.43 26.00
CA SER D 46 10.91 -1.84 26.14
C SER D 46 10.13 -2.04 27.44
N LEU D 47 8.94 -2.63 27.31
CA LEU D 47 7.98 -2.82 28.42
C LEU D 47 8.57 -3.58 29.62
N SER D 48 9.39 -4.60 29.33
CA SER D 48 10.05 -5.43 30.35
C SER D 48 11.07 -4.64 31.16
N ILE D 49 11.87 -3.81 30.46
CA ILE D 49 12.84 -2.92 31.08
C ILE D 49 12.16 -1.70 31.73
N LEU D 50 11.11 -1.21 31.07
CA LEU D 50 10.24 -0.14 31.60
C LEU D 50 9.72 -0.50 33.00
N SER D 51 9.43 -1.78 33.18
CA SER D 51 8.96 -2.36 34.44
C SER D 51 10.04 -2.35 35.53
N ASN D 52 11.30 -2.62 35.16
CA ASN D 52 12.42 -2.66 36.11
C ASN D 52 13.54 -1.62 35.81
N PRO D 53 13.29 -0.33 36.13
CA PRO D 53 14.26 0.71 35.72
C PRO D 53 15.61 0.72 36.48
N ASN D 54 15.79 -0.18 37.44
CA ASN D 54 16.93 -0.12 38.37
C ASN D 54 18.13 -0.99 37.99
N PRO D 55 19.30 -0.37 37.68
CA PRO D 55 20.52 -1.08 37.27
C PRO D 55 21.04 -2.13 38.25
N SER D 56 20.80 -1.95 39.55
CA SER D 56 21.27 -2.89 40.57
C SER D 56 20.60 -4.26 40.47
N ASP D 57 19.43 -4.31 39.84
CA ASP D 57 18.67 -5.55 39.66
C ASP D 57 19.26 -6.48 38.60
N TYR D 58 20.26 -5.99 37.86
CA TYR D 58 20.76 -6.69 36.67
C TYR D 58 22.22 -7.10 36.79
N VAL D 59 22.60 -8.11 36.01
CA VAL D 59 23.99 -8.49 35.77
C VAL D 59 24.30 -8.67 34.28
N LEU D 60 25.59 -8.55 33.92
CA LEU D 60 26.08 -8.92 32.60
C LEU D 60 26.71 -10.31 32.61
N LEU D 61 26.16 -11.23 31.83
CA LEU D 61 26.75 -12.56 31.62
C LEU D 61 27.78 -12.52 30.48
N GLU D 62 28.96 -13.07 30.74
CA GLU D 62 29.98 -13.29 29.73
C GLU D 62 29.73 -14.68 29.14
N GLU D 63 29.95 -14.83 27.84
CA GLU D 63 29.72 -16.13 27.18
C GLU D 63 30.69 -16.43 26.04
N VAL D 64 31.75 -17.18 26.35
CA VAL D 64 32.73 -17.63 25.36
C VAL D 64 32.73 -19.15 25.28
N SER D 79 31.16 -21.43 27.40
CA SER D 79 31.30 -20.96 28.78
C SER D 79 30.07 -20.18 29.28
N GLN D 80 30.13 -19.74 30.54
CA GLN D 80 29.17 -18.81 31.12
C GLN D 80 29.94 -17.86 32.04
N ARG D 81 29.32 -17.41 33.14
CA ARG D 81 29.99 -16.61 34.19
C ARG D 81 29.40 -15.20 34.37
N VAL D 82 28.69 -15.00 35.48
CA VAL D 82 28.17 -13.70 35.86
C VAL D 82 29.33 -12.76 36.22
N LEU D 83 29.28 -11.52 35.73
CA LEU D 83 30.29 -10.50 36.06
C LEU D 83 30.03 -9.85 37.42
N LEU D 84 31.09 -9.31 38.01
CA LEU D 84 30.99 -8.64 39.31
C LEU D 84 30.46 -7.22 39.13
N ASP D 85 29.45 -6.86 39.92
CA ASP D 85 28.81 -5.54 39.84
C ASP D 85 29.79 -4.40 39.55
N GLN D 86 30.96 -4.47 40.18
CA GLN D 86 31.98 -3.41 40.07
C GLN D 86 33.14 -3.75 39.12
N GLU D 87 33.07 -4.91 38.48
CA GLU D 87 34.09 -5.39 37.55
C GLU D 87 34.22 -4.52 36.30
N CYS D 88 35.44 -4.39 35.81
CA CYS D 88 35.71 -3.61 34.60
C CYS D 88 35.46 -4.46 33.35
N VAL D 89 34.44 -4.07 32.59
CA VAL D 89 34.01 -4.78 31.37
C VAL D 89 35.13 -4.93 30.34
N PHE D 90 35.86 -3.84 30.08
CA PHE D 90 37.03 -3.89 29.22
C PHE D 90 38.22 -4.53 29.94
N LYS D 101 30.54 -12.49 23.78
CA LYS D 101 29.12 -12.12 23.87
C LYS D 101 28.65 -11.78 25.29
N PHE D 102 28.40 -10.49 25.55
CA PHE D 102 27.81 -10.03 26.82
C PHE D 102 26.29 -10.08 26.75
N ILE D 103 25.67 -10.64 27.78
CA ILE D 103 24.22 -10.84 27.83
C ILE D 103 23.65 -10.17 29.08
N LEU D 104 22.58 -9.40 28.92
CA LEU D 104 21.90 -8.78 30.05
C LEU D 104 20.85 -9.73 30.62
N LYS D 105 20.87 -9.89 31.95
CA LYS D 105 19.79 -10.61 32.66
C LYS D 105 19.59 -10.06 34.08
N LEU D 106 18.35 -10.15 34.57
CA LEU D 106 17.99 -9.83 35.94
C LEU D 106 18.72 -10.75 36.94
N LYS D 107 19.03 -10.22 38.13
CA LYS D 107 19.65 -11.01 39.20
C LYS D 107 18.73 -12.15 39.66
N GLU D 108 17.44 -11.84 39.84
CA GLU D 108 16.40 -12.82 40.17
C GLU D 108 16.33 -14.01 39.19
N GLN D 109 16.56 -13.74 37.90
CA GLN D 109 16.59 -14.79 36.88
C GLN D 109 18.03 -15.11 36.45
#